data_1GT6
#
_entry.id   1GT6
#
_cell.length_a   117.101
_cell.length_b   97.304
_cell.length_c   55.508
_cell.angle_alpha   90.00
_cell.angle_beta   90.00
_cell.angle_gamma   90.00
#
_symmetry.space_group_name_H-M   'P 21 21 2'
#
loop_
_entity.id
_entity.type
_entity.pdbx_description
1 polymer Lipase
2 non-polymer 'OLEIC ACID'
3 water water
#
_entity_poly.entity_id   1
_entity_poly.type   'polypeptide(L)'
_entity_poly.pdbx_seq_one_letter_code
;EVSQDLFNQFNLFAQYSAAAYCGKNNDAPAGTNITCTGNACPEVEKADATFLYSFEDSGVGDVTGFLALDNTNKLIVLSF
RGSRSIENWIGNLNFDLKEINDICSGCRGHDGFTSSWRSVADTLRQKVEDAVREHPDYRVVFTGHALGGALATVAGADLR
GNGYDIDVFSYGAPRVGNRAFAEFLTVQTGGTLYRITHTNDIVPRLPPREFGYSHSSPEYWIKSGTLVPVTRNDIVKIEG
IDATGGNNQPNIPDIPAHLWYFGLIGTCL
;
_entity_poly.pdbx_strand_id   A,B
#
# COMPACT_ATOMS: atom_id res chain seq x y z
N GLU A 1 -29.91 -3.65 -4.73
CA GLU A 1 -29.94 -2.61 -5.79
C GLU A 1 -28.58 -1.92 -5.91
N VAL A 2 -28.08 -1.84 -7.13
CA VAL A 2 -26.92 -1.02 -7.43
C VAL A 2 -27.36 0.00 -8.47
N SER A 3 -26.52 1.01 -8.72
CA SER A 3 -26.81 2.00 -9.75
C SER A 3 -26.66 1.36 -11.13
N GLN A 4 -27.23 2.01 -12.15
CA GLN A 4 -27.16 1.55 -13.54
C GLN A 4 -25.70 1.55 -14.04
N ASP A 5 -24.96 2.55 -13.59
CA ASP A 5 -23.55 2.65 -13.93
C ASP A 5 -22.83 1.36 -13.53
N LEU A 6 -22.90 1.03 -12.25
CA LEU A 6 -22.24 -0.17 -11.73
C LEU A 6 -22.79 -1.40 -12.45
N PHE A 7 -24.11 -1.46 -12.62
CA PHE A 7 -24.71 -2.56 -13.37
C PHE A 7 -24.11 -2.66 -14.78
N ASN A 8 -23.95 -1.54 -15.47
CA ASN A 8 -23.38 -1.57 -16.82
C ASN A 8 -21.94 -2.06 -16.82
N GLN A 9 -21.15 -1.56 -15.88
CA GLN A 9 -19.77 -1.99 -15.76
C GLN A 9 -19.64 -3.47 -15.41
N PHE A 10 -20.46 -3.93 -14.47
CA PHE A 10 -20.44 -5.33 -14.05
C PHE A 10 -20.73 -6.22 -15.27
N ASN A 11 -21.73 -5.85 -16.05
CA ASN A 11 -22.13 -6.61 -17.24
C ASN A 11 -20.98 -6.64 -18.26
N LEU A 12 -20.40 -5.47 -18.51
CA LEU A 12 -19.31 -5.34 -19.48
C LEU A 12 -18.10 -6.22 -19.12
N PHE A 13 -17.64 -6.14 -17.89
CA PHE A 13 -16.46 -6.92 -17.53
C PHE A 13 -16.77 -8.39 -17.35
N ALA A 14 -18.03 -8.71 -17.09
CA ALA A 14 -18.47 -10.10 -17.08
C ALA A 14 -18.24 -10.64 -18.49
N GLN A 15 -18.49 -9.81 -19.49
CA GLN A 15 -18.31 -10.22 -20.89
C GLN A 15 -16.82 -10.31 -21.32
N TYR A 16 -15.98 -9.39 -20.83
CA TYR A 16 -14.52 -9.49 -21.08
C TYR A 16 -14.04 -10.76 -20.39
N SER A 17 -14.58 -11.01 -19.21
CA SER A 17 -14.25 -12.24 -18.48
C SER A 17 -14.62 -13.48 -19.31
N ALA A 18 -15.85 -13.53 -19.81
CA ALA A 18 -16.30 -14.66 -20.62
C ALA A 18 -15.48 -14.82 -21.89
N ALA A 19 -15.11 -13.68 -22.48
CA ALA A 19 -14.35 -13.68 -23.73
C ALA A 19 -13.00 -14.40 -23.63
N ALA A 20 -12.47 -14.50 -22.41
CA ALA A 20 -11.15 -15.11 -22.18
C ALA A 20 -11.07 -16.62 -22.41
N TYR A 21 -12.22 -17.28 -22.39
CA TYR A 21 -12.26 -18.73 -22.54
C TYR A 21 -12.18 -19.09 -24.01
N CYS A 22 -12.66 -18.17 -24.86
CA CYS A 22 -12.65 -18.44 -26.28
C CYS A 22 -11.21 -18.71 -26.72
N GLY A 23 -10.95 -19.93 -27.18
CA GLY A 23 -9.61 -20.28 -27.62
C GLY A 23 -8.98 -19.25 -28.56
N LYS A 24 -9.73 -18.78 -29.55
CA LYS A 24 -9.24 -17.78 -30.49
C LYS A 24 -8.76 -16.48 -29.82
N ASN A 25 -9.24 -16.19 -28.63
CA ASN A 25 -8.82 -14.97 -27.94
C ASN A 25 -7.61 -15.19 -27.07
N ASN A 26 -6.94 -16.33 -27.24
CA ASN A 26 -5.76 -16.60 -26.44
C ASN A 26 -4.47 -16.68 -27.23
N ASP A 27 -4.53 -16.43 -28.53
CA ASP A 27 -3.31 -16.47 -29.34
C ASP A 27 -3.47 -15.62 -30.59
N ALA A 28 -4.32 -14.60 -30.47
CA ALA A 28 -4.64 -13.72 -31.59
C ALA A 28 -3.51 -12.73 -31.80
N PRO A 29 -3.33 -12.27 -33.03
CA PRO A 29 -2.29 -11.27 -33.34
C PRO A 29 -2.67 -9.93 -32.75
N ALA A 30 -1.69 -9.09 -32.45
CA ALA A 30 -2.00 -7.79 -31.86
C ALA A 30 -2.66 -6.87 -32.89
N GLY A 31 -3.68 -6.12 -32.46
CA GLY A 31 -4.37 -5.21 -33.35
C GLY A 31 -5.65 -5.76 -33.95
N THR A 32 -5.93 -7.04 -33.75
CA THR A 32 -7.16 -7.63 -34.26
C THR A 32 -8.33 -7.31 -33.33
N ASN A 33 -9.51 -7.13 -33.90
CA ASN A 33 -10.70 -6.81 -33.13
C ASN A 33 -11.07 -7.99 -32.27
N ILE A 34 -11.43 -7.71 -31.01
CA ILE A 34 -11.82 -8.79 -30.15
C ILE A 34 -13.27 -9.13 -30.45
N THR A 35 -13.53 -10.40 -30.72
CA THR A 35 -14.90 -10.89 -30.90
C THR A 35 -15.04 -12.14 -30.04
N CYS A 36 -16.24 -12.67 -29.95
CA CYS A 36 -16.47 -13.94 -29.27
C CYS A 36 -17.41 -14.77 -30.13
N THR A 37 -17.57 -16.04 -29.80
CA THR A 37 -18.49 -16.84 -30.58
C THR A 37 -19.72 -17.08 -29.75
N GLY A 38 -20.88 -16.77 -30.32
CA GLY A 38 -22.14 -16.95 -29.64
C GLY A 38 -22.76 -15.64 -29.17
N ASN A 39 -22.92 -15.54 -27.87
CA ASN A 39 -23.59 -14.38 -27.30
C ASN A 39 -22.80 -14.03 -26.10
N ALA A 40 -21.55 -14.45 -26.13
CA ALA A 40 -20.65 -14.29 -24.99
C ALA A 40 -20.34 -12.83 -24.68
N CYS A 41 -20.03 -12.04 -25.70
CA CYS A 41 -19.58 -10.69 -25.44
C CYS A 41 -19.99 -9.63 -26.47
N PRO A 42 -21.29 -9.45 -26.68
CA PRO A 42 -21.79 -8.44 -27.63
C PRO A 42 -21.39 -7.01 -27.26
N GLU A 43 -21.28 -6.68 -25.97
CA GLU A 43 -20.86 -5.33 -25.63
C GLU A 43 -19.38 -5.13 -25.93
N VAL A 44 -18.60 -6.21 -25.94
CA VAL A 44 -17.20 -6.07 -26.28
C VAL A 44 -17.08 -5.82 -27.78
N GLU A 45 -17.81 -6.58 -28.57
CA GLU A 45 -17.80 -6.42 -30.03
C GLU A 45 -18.25 -5.03 -30.48
N LYS A 46 -18.96 -4.31 -29.61
CA LYS A 46 -19.26 -2.92 -29.86
C LYS A 46 -18.03 -2.24 -30.41
N ALA A 47 -16.97 -2.20 -29.59
CA ALA A 47 -15.70 -1.65 -30.00
C ALA A 47 -15.15 -2.41 -31.21
N ASP A 48 -14.03 -1.93 -31.75
CA ASP A 48 -13.34 -0.78 -31.18
C ASP A 48 -12.43 -1.26 -30.08
N ALA A 49 -12.37 -2.57 -29.94
CA ALA A 49 -11.53 -3.19 -28.94
C ALA A 49 -10.58 -4.10 -29.69
N THR A 50 -9.31 -4.06 -29.34
CA THR A 50 -8.32 -4.84 -30.05
C THR A 50 -7.37 -5.48 -29.06
N PHE A 51 -6.70 -6.54 -29.48
CA PHE A 51 -5.73 -7.22 -28.65
C PHE A 51 -4.45 -6.43 -28.59
N LEU A 52 -3.96 -6.24 -27.37
CA LEU A 52 -2.64 -5.68 -27.17
C LEU A 52 -1.70 -6.86 -27.02
N TYR A 53 -2.17 -7.91 -26.34
CA TYR A 53 -1.39 -9.13 -26.11
C TYR A 53 -2.29 -10.32 -25.73
N SER A 54 -2.19 -11.39 -26.50
CA SER A 54 -2.97 -12.58 -26.24
C SER A 54 -2.03 -13.61 -25.65
N PHE A 55 -2.53 -14.49 -24.80
CA PHE A 55 -1.67 -15.48 -24.17
C PHE A 55 -2.41 -16.71 -23.70
N GLU A 56 -1.69 -17.84 -23.74
CA GLU A 56 -2.18 -19.14 -23.33
C GLU A 56 -1.00 -19.99 -22.84
N ASP A 57 -1.24 -20.80 -21.81
CA ASP A 57 -0.21 -21.68 -21.27
C ASP A 57 1.05 -20.96 -20.83
N SER A 58 0.86 -19.81 -20.20
CA SER A 58 1.98 -19.02 -19.75
C SER A 58 2.36 -19.44 -18.34
N GLY A 59 3.64 -19.32 -18.01
CA GLY A 59 4.14 -19.62 -16.67
C GLY A 59 3.65 -20.94 -16.08
N VAL A 60 3.45 -20.93 -14.76
CA VAL A 60 2.97 -22.12 -14.06
C VAL A 60 1.46 -22.08 -13.85
N GLY A 61 0.80 -23.21 -14.05
CA GLY A 61 -0.64 -23.28 -13.87
C GLY A 61 -1.44 -22.95 -15.12
N ASP A 62 -0.77 -22.97 -16.26
CA ASP A 62 -1.42 -22.67 -17.54
C ASP A 62 -2.18 -21.34 -17.57
N VAL A 63 -1.48 -20.23 -17.34
CA VAL A 63 -2.09 -18.92 -17.31
C VAL A 63 -2.57 -18.49 -18.71
N THR A 64 -3.84 -18.12 -18.81
CA THR A 64 -4.42 -17.84 -20.11
C THR A 64 -5.34 -16.62 -20.09
N GLY A 65 -5.33 -15.86 -21.19
CA GLY A 65 -6.21 -14.71 -21.28
C GLY A 65 -5.72 -13.72 -22.33
N PHE A 66 -6.01 -12.44 -22.12
CA PHE A 66 -5.57 -11.42 -23.05
C PHE A 66 -5.55 -10.05 -22.39
N LEU A 67 -4.87 -9.11 -23.04
CA LEU A 67 -4.81 -7.72 -22.61
C LEU A 67 -5.49 -6.98 -23.76
N ALA A 68 -6.52 -6.20 -23.48
CA ALA A 68 -7.23 -5.55 -24.56
C ALA A 68 -7.18 -4.05 -24.48
N LEU A 69 -7.28 -3.40 -25.64
CA LEU A 69 -7.37 -1.96 -25.75
C LEU A 69 -8.78 -1.60 -26.21
N ASP A 70 -9.54 -0.95 -25.35
CA ASP A 70 -10.92 -0.57 -25.69
C ASP A 70 -10.98 0.92 -25.89
N ASN A 71 -11.00 1.34 -27.16
CA ASN A 71 -11.00 2.75 -27.55
C ASN A 71 -12.32 3.51 -27.33
N THR A 72 -13.43 2.79 -27.28
CA THR A 72 -14.72 3.45 -27.08
C THR A 72 -14.84 3.79 -25.62
N ASN A 73 -14.69 2.77 -24.78
CA ASN A 73 -14.81 2.93 -23.34
C ASN A 73 -13.55 3.48 -22.69
N LYS A 74 -12.47 3.53 -23.46
CA LYS A 74 -11.15 4.01 -23.01
C LYS A 74 -10.64 3.17 -21.87
N LEU A 75 -10.34 1.91 -22.19
CA LEU A 75 -9.92 0.96 -21.19
C LEU A 75 -8.74 0.15 -21.68
N ILE A 76 -7.99 -0.36 -20.71
CA ILE A 76 -6.93 -1.32 -20.96
C ILE A 76 -7.35 -2.45 -20.05
N VAL A 77 -7.77 -3.58 -20.64
CA VAL A 77 -8.32 -4.66 -19.86
C VAL A 77 -7.46 -5.91 -19.83
N LEU A 78 -7.07 -6.33 -18.62
CA LEU A 78 -6.34 -7.59 -18.47
C LEU A 78 -7.36 -8.63 -18.02
N SER A 79 -7.64 -9.60 -18.90
CA SER A 79 -8.66 -10.60 -18.63
C SER A 79 -8.03 -11.97 -18.51
N PHE A 80 -8.19 -12.61 -17.35
CA PHE A 80 -7.62 -13.92 -17.14
C PHE A 80 -8.71 -14.96 -17.28
N ARG A 81 -8.41 -16.04 -18.00
CA ARG A 81 -9.35 -17.15 -18.10
C ARG A 81 -9.40 -17.95 -16.80
N GLY A 82 -10.58 -18.50 -16.51
CA GLY A 82 -10.75 -19.43 -15.40
C GLY A 82 -10.33 -20.84 -15.78
N SER A 83 -10.78 -21.83 -15.01
CA SER A 83 -10.31 -23.21 -15.21
C SER A 83 -10.88 -23.95 -16.40
N ARG A 84 -10.02 -24.61 -17.18
CA ARG A 84 -10.44 -25.42 -18.32
C ARG A 84 -9.51 -26.63 -18.46
N SER A 85 -8.20 -26.38 -18.40
CA SER A 85 -7.22 -27.42 -18.60
C SER A 85 -6.94 -28.19 -17.32
N ILE A 86 -6.37 -29.38 -17.51
CA ILE A 86 -5.96 -30.20 -16.40
C ILE A 86 -4.93 -29.46 -15.53
N GLU A 87 -3.97 -28.84 -16.20
CA GLU A 87 -2.96 -28.03 -15.49
C GLU A 87 -3.56 -26.96 -14.59
N ASN A 88 -4.67 -26.36 -15.00
CA ASN A 88 -5.34 -25.36 -14.15
C ASN A 88 -5.84 -26.01 -12.87
N TRP A 89 -6.51 -27.14 -13.03
CA TRP A 89 -7.10 -27.86 -11.91
C TRP A 89 -6.04 -28.35 -10.93
N ILE A 90 -4.94 -28.89 -11.44
CA ILE A 90 -3.85 -29.26 -10.57
C ILE A 90 -3.41 -28.06 -9.73
N GLY A 91 -3.34 -26.88 -10.36
CA GLY A 91 -2.98 -25.65 -9.69
C GLY A 91 -4.03 -25.20 -8.67
N ASN A 92 -5.30 -25.40 -8.98
CA ASN A 92 -6.35 -25.09 -8.05
C ASN A 92 -6.22 -25.96 -6.80
N LEU A 93 -5.62 -27.14 -6.95
CA LEU A 93 -5.46 -28.05 -5.82
C LEU A 93 -4.24 -27.77 -4.96
N ASN A 94 -3.40 -26.84 -5.42
CA ASN A 94 -2.26 -26.41 -4.62
C ASN A 94 -2.83 -25.36 -3.66
N PHE A 95 -3.59 -25.81 -2.68
CA PHE A 95 -4.31 -24.84 -1.83
C PHE A 95 -3.70 -24.49 -0.47
N ASP A 96 -2.44 -24.81 -0.25
CA ASP A 96 -1.82 -24.35 0.99
C ASP A 96 -1.61 -22.82 0.98
N LEU A 97 -1.60 -22.23 2.16
CA LEU A 97 -1.39 -20.81 2.29
C LEU A 97 0.10 -20.50 2.36
N LYS A 98 0.62 -19.78 1.37
CA LYS A 98 2.03 -19.39 1.34
C LYS A 98 2.15 -17.92 1.71
N GLU A 99 3.24 -17.54 2.35
CA GLU A 99 3.42 -16.13 2.68
C GLU A 99 3.60 -15.30 1.42
N ILE A 100 2.96 -14.14 1.41
CA ILE A 100 3.17 -13.18 0.36
C ILE A 100 3.44 -11.87 1.09
N ASN A 101 4.36 -11.93 2.04
CA ASN A 101 4.81 -10.77 2.80
C ASN A 101 5.32 -9.67 1.88
N ASP A 102 5.73 -10.06 0.67
CA ASP A 102 6.22 -9.10 -0.33
C ASP A 102 5.07 -8.23 -0.83
N ILE A 103 3.85 -8.71 -0.70
CA ILE A 103 2.70 -7.91 -1.11
C ILE A 103 2.13 -7.14 0.07
N CYS A 104 1.85 -7.84 1.17
CA CYS A 104 1.39 -7.19 2.40
C CYS A 104 1.83 -7.96 3.61
N SER A 105 2.22 -7.24 4.66
CA SER A 105 2.71 -7.86 5.87
C SER A 105 1.68 -8.80 6.50
N GLY A 106 2.12 -9.99 6.87
CA GLY A 106 1.27 -11.01 7.46
C GLY A 106 0.27 -11.66 6.50
N CYS A 107 0.38 -11.36 5.22
CA CYS A 107 -0.58 -11.94 4.29
C CYS A 107 -0.11 -13.29 3.77
N ARG A 108 -1.09 -14.18 3.53
CA ARG A 108 -0.84 -15.48 2.92
C ARG A 108 -1.86 -15.63 1.79
N GLY A 109 -1.47 -16.34 0.74
CA GLY A 109 -2.33 -16.55 -0.40
C GLY A 109 -2.26 -17.99 -0.90
N HIS A 110 -3.28 -18.37 -1.66
CA HIS A 110 -3.38 -19.68 -2.29
C HIS A 110 -2.07 -19.91 -3.05
N ASP A 111 -1.38 -21.00 -2.73
CA ASP A 111 -0.08 -21.29 -3.33
C ASP A 111 -0.13 -21.26 -4.86
N GLY A 112 -1.12 -21.94 -5.44
CA GLY A 112 -1.24 -21.99 -6.88
C GLY A 112 -1.59 -20.64 -7.47
N PHE A 113 -2.57 -19.93 -6.92
CA PHE A 113 -2.93 -18.66 -7.54
C PHE A 113 -1.74 -17.71 -7.56
N THR A 114 -1.06 -17.66 -6.43
CA THR A 114 0.07 -16.75 -6.27
C THR A 114 1.26 -17.18 -7.09
N SER A 115 1.52 -18.48 -7.09
CA SER A 115 2.60 -18.97 -7.92
C SER A 115 2.30 -18.66 -9.37
N SER A 116 1.05 -18.83 -9.78
CA SER A 116 0.73 -18.56 -11.17
C SER A 116 0.97 -17.09 -11.52
N TRP A 117 0.39 -16.19 -10.73
CA TRP A 117 0.59 -14.79 -11.00
C TRP A 117 2.06 -14.47 -10.97
N ARG A 118 2.75 -15.01 -9.97
CA ARG A 118 4.17 -14.73 -9.82
C ARG A 118 4.96 -15.10 -11.08
N SER A 119 4.62 -16.23 -11.70
CA SER A 119 5.37 -16.69 -12.87
C SER A 119 5.18 -15.82 -14.12
N VAL A 120 4.14 -15.00 -14.14
CA VAL A 120 3.89 -14.19 -15.33
C VAL A 120 3.85 -12.69 -15.05
N ALA A 121 4.09 -12.31 -13.80
CA ALA A 121 3.98 -10.92 -13.39
C ALA A 121 4.90 -9.97 -14.14
N ASP A 122 6.18 -10.30 -14.25
CA ASP A 122 7.12 -9.40 -14.91
C ASP A 122 6.75 -9.10 -16.38
N THR A 123 6.22 -10.09 -17.07
CA THR A 123 5.87 -9.90 -18.47
C THR A 123 4.55 -9.15 -18.57
N LEU A 124 3.57 -9.58 -17.78
CA LEU A 124 2.29 -8.91 -17.85
C LEU A 124 2.39 -7.46 -17.35
N ARG A 125 3.24 -7.22 -16.35
CA ARG A 125 3.39 -5.88 -15.82
C ARG A 125 3.94 -4.93 -16.89
N GLN A 126 4.96 -5.37 -17.62
CA GLN A 126 5.52 -4.51 -18.65
C GLN A 126 4.48 -4.18 -19.73
N LYS A 127 3.73 -5.19 -20.17
CA LYS A 127 2.76 -4.96 -21.22
C LYS A 127 1.65 -4.00 -20.80
N VAL A 128 1.13 -4.18 -19.59
CA VAL A 128 0.14 -3.25 -19.10
C VAL A 128 0.74 -1.84 -19.07
N GLU A 129 1.94 -1.71 -18.53
CA GLU A 129 2.55 -0.39 -18.41
C GLU A 129 2.94 0.25 -19.74
N ASP A 130 3.27 -0.56 -20.73
CA ASP A 130 3.53 -0.05 -22.06
C ASP A 130 2.22 0.56 -22.57
N ALA A 131 1.11 -0.13 -22.28
CA ALA A 131 -0.18 0.33 -22.75
C ALA A 131 -0.56 1.62 -22.04
N VAL A 132 -0.31 1.67 -20.73
CA VAL A 132 -0.61 2.87 -19.98
C VAL A 132 0.17 4.03 -20.60
N ARG A 133 1.45 3.78 -20.90
CA ARG A 133 2.30 4.81 -21.46
C ARG A 133 1.80 5.36 -22.82
N GLU A 134 1.22 4.49 -23.62
CA GLU A 134 0.67 4.88 -24.91
C GLU A 134 -0.70 5.53 -24.79
N HIS A 135 -1.45 5.13 -23.76
CA HIS A 135 -2.80 5.64 -23.55
C HIS A 135 -3.04 6.07 -22.12
N PRO A 136 -2.42 7.18 -21.73
CA PRO A 136 -2.43 7.65 -20.34
C PRO A 136 -3.83 7.96 -19.87
N ASP A 137 -4.73 8.25 -20.80
CA ASP A 137 -6.09 8.60 -20.43
C ASP A 137 -7.00 7.38 -20.37
N TYR A 138 -6.46 6.18 -20.53
CA TYR A 138 -7.27 4.99 -20.44
C TYR A 138 -7.25 4.43 -19.03
N ARG A 139 -8.35 3.80 -18.66
CA ARG A 139 -8.48 3.22 -17.35
C ARG A 139 -8.10 1.74 -17.38
N VAL A 140 -7.25 1.33 -16.44
CA VAL A 140 -6.81 -0.06 -16.33
C VAL A 140 -7.74 -0.89 -15.46
N VAL A 141 -8.18 -2.03 -15.99
CA VAL A 141 -9.11 -2.88 -15.27
C VAL A 141 -8.61 -4.30 -15.46
N PHE A 142 -8.58 -5.07 -14.37
CA PHE A 142 -8.20 -6.48 -14.41
C PHE A 142 -9.49 -7.24 -14.13
N THR A 143 -9.73 -8.31 -14.86
CA THR A 143 -10.98 -9.04 -14.67
C THR A 143 -10.85 -10.53 -14.93
N GLY A 144 -11.77 -11.32 -14.39
CA GLY A 144 -11.73 -12.75 -14.65
C GLY A 144 -12.85 -13.48 -13.96
N HIS A 145 -13.16 -14.69 -14.40
CA HIS A 145 -14.22 -15.49 -13.82
C HIS A 145 -13.56 -16.62 -13.05
N ALA A 146 -13.99 -16.82 -11.81
CA ALA A 146 -13.44 -17.87 -10.97
C ALA A 146 -11.93 -17.81 -10.76
N LEU A 147 -11.21 -18.85 -11.21
CA LEU A 147 -9.76 -18.88 -11.10
C LEU A 147 -9.17 -17.62 -11.70
N GLY A 148 -9.81 -17.18 -12.79
CA GLY A 148 -9.42 -15.99 -13.52
C GLY A 148 -9.62 -14.76 -12.67
N GLY A 149 -10.67 -14.75 -11.86
CA GLY A 149 -10.90 -13.64 -10.95
C GLY A 149 -9.94 -13.68 -9.76
N ALA A 150 -9.51 -14.87 -9.38
CA ALA A 150 -8.50 -15.00 -8.32
C ALA A 150 -7.20 -14.35 -8.80
N LEU A 151 -6.78 -14.74 -10.00
CA LEU A 151 -5.60 -14.19 -10.64
C LEU A 151 -5.64 -12.65 -10.73
N ALA A 152 -6.73 -12.13 -11.27
CA ALA A 152 -6.91 -10.68 -11.38
C ALA A 152 -6.84 -9.96 -10.04
N THR A 153 -7.36 -10.60 -9.00
CA THR A 153 -7.30 -10.06 -7.65
C THR A 153 -5.85 -9.99 -7.16
N VAL A 154 -5.11 -11.09 -7.32
CA VAL A 154 -3.73 -11.11 -6.86
C VAL A 154 -2.91 -10.13 -7.69
N ALA A 155 -3.14 -10.12 -9.01
CA ALA A 155 -2.44 -9.20 -9.89
C ALA A 155 -2.72 -7.75 -9.45
N GLY A 156 -4.00 -7.42 -9.21
CA GLY A 156 -4.33 -6.07 -8.79
C GLY A 156 -3.64 -5.69 -7.47
N ALA A 157 -3.60 -6.61 -6.52
CA ALA A 157 -2.95 -6.35 -5.22
C ALA A 157 -1.47 -6.08 -5.36
N ASP A 158 -0.84 -6.82 -6.26
CA ASP A 158 0.57 -6.68 -6.55
C ASP A 158 0.91 -5.40 -7.36
N LEU A 159 0.08 -5.07 -8.35
CA LEU A 159 0.46 -3.98 -9.28
C LEU A 159 -0.06 -2.57 -8.97
N ARG A 160 -0.94 -2.43 -7.99
CA ARG A 160 -1.38 -1.08 -7.64
C ARG A 160 -0.21 -0.30 -7.06
N GLY A 161 -0.33 1.03 -7.04
CA GLY A 161 0.68 1.89 -6.45
C GLY A 161 1.84 2.26 -7.38
N ASN A 162 1.68 2.01 -8.67
CA ASN A 162 2.74 2.33 -9.62
C ASN A 162 2.41 3.50 -10.56
N GLY A 163 1.50 4.38 -10.14
CA GLY A 163 1.18 5.55 -10.94
C GLY A 163 -0.13 5.51 -11.71
N TYR A 164 -0.79 4.36 -11.74
CA TYR A 164 -2.08 4.23 -12.42
C TYR A 164 -3.01 3.35 -11.57
N ASP A 165 -4.26 3.75 -11.46
CA ASP A 165 -5.25 3.04 -10.69
C ASP A 165 -5.60 1.71 -11.36
N ILE A 166 -5.90 0.69 -10.56
CA ILE A 166 -6.35 -0.56 -11.15
C ILE A 166 -7.59 -1.05 -10.46
N ASP A 167 -8.69 -1.05 -11.20
CA ASP A 167 -9.93 -1.63 -10.71
C ASP A 167 -9.93 -3.13 -11.05
N VAL A 168 -10.50 -3.95 -10.18
CA VAL A 168 -10.57 -5.39 -10.43
C VAL A 168 -12.02 -5.81 -10.33
N PHE A 169 -12.50 -6.58 -11.30
CA PHE A 169 -13.86 -7.09 -11.31
C PHE A 169 -13.74 -8.60 -11.31
N SER A 170 -14.17 -9.24 -10.23
CA SER A 170 -14.09 -10.71 -10.20
C SER A 170 -15.49 -11.32 -10.16
N TYR A 171 -15.64 -12.44 -10.87
CA TYR A 171 -16.91 -13.11 -11.07
C TYR A 171 -16.84 -14.55 -10.59
N GLY A 172 -17.49 -14.81 -9.46
CA GLY A 172 -17.48 -16.15 -8.90
C GLY A 172 -16.08 -16.60 -8.51
N ALA A 173 -15.25 -15.71 -7.98
CA ALA A 173 -13.91 -16.12 -7.60
C ALA A 173 -13.89 -16.82 -6.24
N PRO A 174 -12.99 -17.77 -6.07
CA PRO A 174 -12.79 -18.41 -4.78
C PRO A 174 -12.10 -17.45 -3.83
N ARG A 175 -11.97 -17.81 -2.56
CA ARG A 175 -11.22 -16.99 -1.62
C ARG A 175 -9.77 -17.17 -2.07
N VAL A 176 -8.94 -16.14 -1.85
CA VAL A 176 -7.57 -16.16 -2.33
C VAL A 176 -6.50 -16.17 -1.25
N GLY A 177 -6.83 -15.69 -0.07
CA GLY A 177 -5.86 -15.67 1.01
C GLY A 177 -6.44 -15.72 2.42
N ASN A 178 -5.58 -15.49 3.42
CA ASN A 178 -5.96 -15.52 4.81
C ASN A 178 -6.69 -14.25 5.23
N ARG A 179 -6.92 -14.08 6.53
CA ARG A 179 -7.69 -12.90 6.94
C ARG A 179 -6.95 -11.60 6.70
N ALA A 180 -5.64 -11.61 6.93
CA ALA A 180 -4.83 -10.43 6.70
C ALA A 180 -4.93 -9.95 5.23
N PHE A 181 -4.87 -10.87 4.28
CA PHE A 181 -5.05 -10.52 2.88
C PHE A 181 -6.49 -10.04 2.61
N ALA A 182 -7.47 -10.63 3.30
CA ALA A 182 -8.83 -10.15 3.10
C ALA A 182 -8.96 -8.71 3.58
N GLU A 183 -8.39 -8.41 4.75
CA GLU A 183 -8.40 -7.05 5.28
C GLU A 183 -7.70 -6.09 4.34
N PHE A 184 -6.54 -6.49 3.81
CA PHE A 184 -5.77 -5.59 2.98
C PHE A 184 -6.49 -5.23 1.69
N LEU A 185 -7.13 -6.22 1.08
CA LEU A 185 -7.88 -6.02 -0.13
C LEU A 185 -9.10 -5.15 0.13
N THR A 186 -9.58 -5.17 1.37
CA THR A 186 -10.75 -4.37 1.75
C THR A 186 -10.41 -2.89 1.79
N VAL A 187 -9.24 -2.54 2.29
CA VAL A 187 -8.84 -1.14 2.40
C VAL A 187 -7.82 -0.62 1.35
N GLN A 188 -7.27 -1.50 0.51
CA GLN A 188 -6.22 -1.04 -0.40
C GLN A 188 -6.66 0.09 -1.32
N THR A 189 -5.84 1.12 -1.45
CA THR A 189 -6.15 2.23 -2.34
C THR A 189 -5.54 2.05 -3.75
N GLY A 190 -5.80 3.01 -4.62
CA GLY A 190 -5.28 2.99 -5.97
C GLY A 190 -6.04 2.06 -6.87
N GLY A 191 -7.36 2.10 -6.75
CA GLY A 191 -8.26 1.24 -7.49
C GLY A 191 -9.29 0.60 -6.55
N THR A 192 -10.37 0.08 -7.12
CA THR A 192 -11.41 -0.59 -6.36
C THR A 192 -11.57 -2.05 -6.78
N LEU A 193 -11.90 -2.94 -5.84
CA LEU A 193 -12.17 -4.35 -6.14
C LEU A 193 -13.67 -4.56 -6.18
N TYR A 194 -14.20 -5.15 -7.23
CA TYR A 194 -15.61 -5.45 -7.30
C TYR A 194 -15.71 -6.98 -7.33
N ARG A 195 -15.97 -7.58 -6.18
CA ARG A 195 -16.05 -9.02 -6.06
C ARG A 195 -17.53 -9.44 -6.18
N ILE A 196 -17.83 -10.02 -7.33
CA ILE A 196 -19.20 -10.39 -7.69
C ILE A 196 -19.45 -11.90 -7.61
N THR A 197 -20.56 -12.24 -6.98
CA THR A 197 -20.94 -13.63 -6.78
C THR A 197 -22.36 -13.85 -7.28
N HIS A 198 -22.73 -15.10 -7.43
CA HIS A 198 -24.05 -15.44 -7.95
C HIS A 198 -24.70 -16.54 -7.13
N THR A 199 -25.92 -16.27 -6.67
CA THR A 199 -26.73 -17.17 -5.85
C THR A 199 -25.94 -18.13 -4.96
N ASN A 200 -26.09 -19.44 -5.17
CA ASN A 200 -25.41 -20.42 -4.32
C ASN A 200 -24.24 -21.13 -5.01
N ASP A 201 -23.62 -20.41 -5.95
CA ASP A 201 -22.43 -20.84 -6.67
C ASP A 201 -21.38 -21.31 -5.67
N ILE A 202 -20.97 -22.57 -5.78
CA ILE A 202 -20.05 -23.15 -4.82
C ILE A 202 -18.64 -22.56 -4.75
N VAL A 203 -18.12 -22.07 -5.88
CA VAL A 203 -16.73 -21.60 -5.99
C VAL A 203 -16.29 -20.50 -5.00
N PRO A 204 -17.07 -19.45 -4.83
CA PRO A 204 -16.74 -18.43 -3.81
C PRO A 204 -16.82 -18.95 -2.39
N ARG A 205 -17.30 -20.18 -2.21
CA ARG A 205 -17.30 -20.81 -0.89
C ARG A 205 -16.04 -21.67 -0.70
N LEU A 206 -15.10 -21.57 -1.64
CA LEU A 206 -13.90 -22.40 -1.51
C LEU A 206 -12.67 -21.55 -1.73
N PRO A 207 -11.55 -21.93 -1.11
CA PRO A 207 -11.50 -22.99 -0.08
C PRO A 207 -12.20 -22.54 1.20
N PRO A 208 -12.50 -23.44 2.12
CA PRO A 208 -13.24 -23.12 3.35
C PRO A 208 -12.55 -22.15 4.29
N ARG A 209 -13.32 -21.48 5.12
CA ARG A 209 -12.76 -20.59 6.12
C ARG A 209 -11.97 -21.44 7.10
N GLU A 210 -12.37 -22.70 7.26
CA GLU A 210 -11.70 -23.64 8.15
C GLU A 210 -10.36 -24.12 7.63
N PHE A 211 -10.02 -23.75 6.39
CA PHE A 211 -8.67 -24.00 5.90
C PHE A 211 -7.86 -22.71 6.12
N GLY A 212 -8.51 -21.65 6.60
CA GLY A 212 -7.82 -20.40 6.90
C GLY A 212 -8.05 -19.28 5.90
N TYR A 213 -8.96 -19.51 4.95
CA TYR A 213 -9.27 -18.56 3.88
C TYR A 213 -10.32 -17.55 4.32
N SER A 214 -10.27 -16.37 3.72
CA SER A 214 -11.15 -15.30 4.11
C SER A 214 -11.49 -14.48 2.87
N HIS A 215 -12.71 -13.92 2.84
CA HIS A 215 -13.15 -13.10 1.72
C HIS A 215 -13.09 -11.65 2.12
N SER A 216 -12.55 -10.82 1.23
CA SER A 216 -12.54 -9.39 1.41
C SER A 216 -13.94 -8.79 1.27
N SER A 217 -14.10 -7.55 1.74
CA SER A 217 -15.34 -6.78 1.68
C SER A 217 -15.18 -5.58 0.70
N PRO A 218 -16.24 -5.17 0.02
CA PRO A 218 -17.58 -5.77 0.11
C PRO A 218 -17.81 -6.86 -0.92
N GLU A 219 -19.05 -7.29 -0.99
CA GLU A 219 -19.46 -8.32 -1.96
C GLU A 219 -20.70 -7.83 -2.74
N TYR A 220 -20.71 -8.02 -4.07
CA TYR A 220 -21.91 -7.74 -4.87
C TYR A 220 -22.57 -9.04 -5.28
N TRP A 221 -23.70 -9.31 -4.65
CA TRP A 221 -24.36 -10.61 -4.74
C TRP A 221 -25.54 -10.55 -5.70
N ILE A 222 -25.47 -11.35 -6.75
CA ILE A 222 -26.54 -11.43 -7.72
C ILE A 222 -27.56 -12.45 -7.23
N LYS A 223 -28.79 -12.00 -6.98
CA LYS A 223 -29.87 -12.83 -6.44
C LYS A 223 -30.78 -13.46 -7.49
N SER A 224 -30.63 -13.07 -8.75
CA SER A 224 -31.50 -13.65 -9.78
C SER A 224 -30.95 -15.02 -10.15
N GLY A 225 -31.84 -15.93 -10.51
CA GLY A 225 -31.46 -17.31 -10.82
C GLY A 225 -30.61 -17.55 -12.07
N THR A 226 -30.22 -18.79 -12.24
CA THR A 226 -29.45 -19.27 -13.37
C THR A 226 -30.30 -19.21 -14.64
N LEU A 227 -29.73 -18.67 -15.72
CA LEU A 227 -30.46 -18.52 -16.99
C LEU A 227 -31.41 -17.33 -16.95
N VAL A 228 -31.42 -16.60 -15.84
CA VAL A 228 -32.29 -15.43 -15.70
C VAL A 228 -31.54 -14.14 -15.93
N PRO A 229 -32.08 -13.27 -16.78
CA PRO A 229 -31.40 -12.00 -17.03
C PRO A 229 -31.33 -11.24 -15.72
N VAL A 230 -30.23 -10.53 -15.50
CA VAL A 230 -30.03 -9.76 -14.30
C VAL A 230 -30.46 -8.32 -14.52
N THR A 231 -31.14 -7.74 -13.53
CA THR A 231 -31.43 -6.32 -13.57
C THR A 231 -30.65 -5.71 -12.40
N ARG A 232 -30.56 -4.38 -12.37
CA ARG A 232 -29.76 -3.77 -11.33
C ARG A 232 -30.41 -3.93 -9.99
N ASN A 233 -31.69 -4.30 -10.01
CA ASN A 233 -32.41 -4.57 -8.78
C ASN A 233 -32.05 -5.94 -8.20
N ASP A 234 -31.31 -6.75 -8.94
CA ASP A 234 -30.98 -8.10 -8.47
C ASP A 234 -29.60 -8.21 -7.86
N ILE A 235 -28.93 -7.07 -7.72
CA ILE A 235 -27.59 -7.06 -7.17
C ILE A 235 -27.64 -6.39 -5.83
N VAL A 236 -27.13 -7.07 -4.81
CA VAL A 236 -27.11 -6.49 -3.48
C VAL A 236 -25.69 -6.37 -2.97
N LYS A 237 -25.37 -5.21 -2.45
CA LYS A 237 -24.03 -4.98 -1.95
C LYS A 237 -23.97 -5.49 -0.52
N ILE A 238 -23.01 -6.36 -0.22
CA ILE A 238 -22.95 -6.88 1.16
C ILE A 238 -21.63 -6.57 1.83
N GLU A 239 -21.71 -6.01 3.02
CA GLU A 239 -20.51 -5.54 3.67
C GLU A 239 -20.05 -6.34 4.85
N GLY A 240 -18.74 -6.24 5.13
CA GLY A 240 -18.16 -6.92 6.26
C GLY A 240 -17.33 -8.10 5.77
N ILE A 241 -16.14 -8.25 6.33
CA ILE A 241 -15.25 -9.35 5.98
C ILE A 241 -15.91 -10.67 6.35
N ASP A 242 -15.91 -11.60 5.40
CA ASP A 242 -16.56 -12.90 5.55
C ASP A 242 -18.05 -12.78 5.90
N ALA A 243 -18.71 -11.74 5.42
CA ALA A 243 -20.15 -11.55 5.64
C ALA A 243 -20.96 -12.77 5.14
N THR A 244 -22.10 -13.04 5.78
CA THR A 244 -22.93 -14.18 5.41
C THR A 244 -24.26 -13.88 4.71
N GLY A 245 -24.55 -12.62 4.40
CA GLY A 245 -25.85 -12.37 3.78
C GLY A 245 -25.98 -12.68 2.28
N GLY A 246 -24.87 -13.00 1.62
CA GLY A 246 -24.92 -13.23 0.19
C GLY A 246 -24.63 -14.65 -0.24
N ASN A 247 -23.53 -14.83 -0.96
CA ASN A 247 -23.12 -16.16 -1.41
C ASN A 247 -22.66 -17.06 -0.25
N ASN A 248 -22.09 -16.46 0.77
CA ASN A 248 -21.65 -17.25 1.91
C ASN A 248 -22.85 -17.55 2.84
N GLN A 249 -23.64 -18.59 2.50
CA GLN A 249 -24.79 -19.04 3.28
C GLN A 249 -24.72 -20.55 3.55
N PRO A 250 -25.22 -20.99 4.70
CA PRO A 250 -25.18 -22.41 5.05
C PRO A 250 -26.32 -23.17 4.35
N ASN A 251 -26.40 -23.09 3.03
CA ASN A 251 -27.39 -23.85 2.29
C ASN A 251 -26.68 -24.70 1.24
N ILE A 252 -27.43 -25.45 0.45
CA ILE A 252 -26.81 -26.31 -0.55
C ILE A 252 -26.23 -25.52 -1.71
N PRO A 253 -24.97 -25.78 -2.05
CA PRO A 253 -24.33 -25.05 -3.14
C PRO A 253 -24.78 -25.58 -4.50
N ASP A 254 -24.37 -24.90 -5.57
CA ASP A 254 -24.79 -25.27 -6.90
C ASP A 254 -23.67 -25.03 -7.89
N ILE A 255 -23.56 -25.90 -8.88
CA ILE A 255 -22.52 -25.76 -9.90
C ILE A 255 -23.02 -24.96 -11.12
N PRO A 256 -24.20 -25.27 -11.62
CA PRO A 256 -24.74 -24.50 -12.75
C PRO A 256 -24.75 -22.99 -12.45
N ALA A 257 -25.02 -22.61 -11.21
CA ALA A 257 -25.03 -21.20 -10.85
C ALA A 257 -23.66 -20.53 -11.10
N HIS A 258 -22.61 -21.33 -11.13
CA HIS A 258 -21.25 -20.86 -11.42
C HIS A 258 -21.09 -20.36 -12.86
N LEU A 259 -21.88 -20.91 -13.77
CA LEU A 259 -21.76 -20.59 -15.19
C LEU A 259 -22.68 -19.49 -15.72
N TRP A 260 -23.29 -18.72 -14.82
CA TRP A 260 -24.22 -17.69 -15.24
C TRP A 260 -24.02 -16.39 -14.47
N TYR A 261 -23.21 -15.50 -15.02
CA TYR A 261 -22.95 -14.18 -14.46
C TYR A 261 -23.36 -13.22 -15.55
N PHE A 262 -24.60 -12.74 -15.46
CA PHE A 262 -25.23 -11.90 -16.50
C PHE A 262 -25.62 -12.70 -17.75
N GLY A 263 -24.80 -13.69 -18.09
CA GLY A 263 -25.01 -14.53 -19.24
C GLY A 263 -24.08 -15.72 -19.09
N LEU A 264 -24.06 -16.62 -20.06
CA LEU A 264 -23.19 -17.80 -19.98
C LEU A 264 -21.75 -17.36 -19.86
N ILE A 265 -21.00 -18.08 -19.02
CA ILE A 265 -19.61 -17.77 -18.80
C ILE A 265 -18.88 -19.06 -18.46
N GLY A 266 -17.74 -19.24 -19.12
CA GLY A 266 -16.92 -20.42 -18.95
C GLY A 266 -17.26 -21.42 -20.02
N THR A 267 -18.10 -21.01 -20.97
CA THR A 267 -18.58 -21.93 -22.00
C THR A 267 -18.14 -21.65 -23.42
N CYS A 268 -17.45 -20.54 -23.65
CA CYS A 268 -16.98 -20.23 -24.98
C CYS A 268 -15.81 -21.13 -25.38
N LEU A 269 -15.91 -21.79 -26.52
CA LEU A 269 -14.89 -22.76 -26.93
C LEU A 269 -13.61 -22.16 -27.51
N GLU B 1 12.65 -3.87 -2.87
CA GLU B 1 11.15 -3.73 -2.84
C GLU B 1 10.62 -3.85 -1.41
N VAL B 2 9.65 -3.02 -1.08
CA VAL B 2 8.98 -3.16 0.22
C VAL B 2 7.53 -3.50 -0.06
N SER B 3 6.81 -3.96 0.96
CA SER B 3 5.43 -4.34 0.77
C SER B 3 4.52 -3.11 0.59
N GLN B 4 3.30 -3.31 0.09
CA GLN B 4 2.39 -2.18 -0.15
C GLN B 4 1.94 -1.46 1.11
N ASP B 5 1.64 -2.20 2.17
CA ASP B 5 1.22 -1.59 3.42
C ASP B 5 2.36 -0.72 4.00
N LEU B 6 3.59 -1.12 3.75
CA LEU B 6 4.74 -0.38 4.24
C LEU B 6 4.94 0.89 3.38
N PHE B 7 4.91 0.72 2.07
CA PHE B 7 4.99 1.88 1.17
C PHE B 7 3.95 2.93 1.54
N ASN B 8 2.71 2.48 1.74
CA ASN B 8 1.61 3.41 2.01
C ASN B 8 1.87 4.13 3.31
N GLN B 9 2.45 3.43 4.28
CA GLN B 9 2.84 4.05 5.55
C GLN B 9 4.00 5.02 5.34
N PHE B 10 5.01 4.60 4.58
CA PHE B 10 6.18 5.44 4.36
C PHE B 10 5.73 6.78 3.73
N ASN B 11 4.81 6.69 2.77
CA ASN B 11 4.27 7.84 2.05
C ASN B 11 3.43 8.73 2.96
N LEU B 12 2.69 8.11 3.87
CA LEU B 12 1.79 8.89 4.70
C LEU B 12 2.55 9.77 5.67
N PHE B 13 3.48 9.17 6.39
CA PHE B 13 4.28 9.89 7.39
C PHE B 13 5.31 10.80 6.76
N ALA B 14 5.60 10.59 5.48
CA ALA B 14 6.46 11.53 4.78
C ALA B 14 5.67 12.83 4.68
N GLN B 15 4.40 12.72 4.36
CA GLN B 15 3.55 13.90 4.23
C GLN B 15 3.28 14.56 5.58
N TYR B 16 3.10 13.74 6.62
CA TYR B 16 2.96 14.27 7.97
C TYR B 16 4.23 15.02 8.38
N SER B 17 5.38 14.53 7.93
CA SER B 17 6.65 15.17 8.22
C SER B 17 6.77 16.45 7.40
N ALA B 18 6.35 16.38 6.16
CA ALA B 18 6.36 17.54 5.28
C ALA B 18 5.46 18.63 5.85
N ALA B 19 4.37 18.21 6.47
CA ALA B 19 3.39 19.16 7.02
C ALA B 19 3.95 19.96 8.20
N ALA B 20 4.93 19.38 8.89
CA ALA B 20 5.53 20.06 10.03
C ALA B 20 6.28 21.34 9.62
N TYR B 21 6.52 21.53 8.32
CA TYR B 21 7.23 22.73 7.87
C TYR B 21 6.30 23.94 7.66
N CYS B 22 5.06 23.70 7.23
CA CYS B 22 4.12 24.80 7.01
C CYS B 22 3.94 25.59 8.29
N GLY B 23 4.28 26.87 8.26
CA GLY B 23 4.13 27.72 9.42
C GLY B 23 2.73 27.66 9.98
N LYS B 24 1.74 27.53 9.08
CA LYS B 24 0.34 27.47 9.46
C LYS B 24 0.05 26.30 10.41
N ASN B 25 0.94 25.31 10.45
CA ASN B 25 0.77 24.16 11.33
C ASN B 25 1.66 24.22 12.57
N ASN B 26 2.22 25.38 12.87
CA ASN B 26 3.09 25.52 14.03
C ASN B 26 2.47 26.37 15.15
N ASP B 27 1.94 27.45 14.83
CA ASP B 27 0.99 28.36 15.95
C ASP B 27 -0.51 28.14 15.76
N ALA B 28 -0.86 27.03 15.13
CA ALA B 28 -2.25 26.71 14.79
C ALA B 28 -3.17 26.40 15.97
N PRO B 29 -4.44 26.76 15.80
CA PRO B 29 -5.47 26.53 16.82
C PRO B 29 -5.88 25.06 16.92
N ALA B 30 -5.97 24.54 17.98
CA ALA B 30 -6.18 23.17 18.45
C ALA B 30 -7.56 22.65 18.07
N GLY B 31 -7.62 21.76 17.08
CA GLY B 31 -8.89 21.18 16.68
C GLY B 31 -9.26 21.43 15.23
N THR B 32 -8.40 22.01 14.52
CA THR B 32 -8.77 22.25 13.14
C THR B 32 -8.22 21.18 12.20
N ASN B 33 -8.86 20.98 11.21
CA ASN B 33 -8.19 20.16 10.20
C ASN B 33 -6.81 20.71 9.87
N ILE B 34 -6.16 20.20 8.85
CA ILE B 34 -4.87 20.76 8.53
C ILE B 34 -4.62 20.73 7.03
N THR B 35 -3.62 21.52 6.59
CA THR B 35 -3.46 21.61 5.16
C THR B 35 -2.02 21.81 4.67
N CYS B 36 -2.01 21.40 3.56
CA CYS B 36 -0.77 21.90 2.98
C CYS B 36 -0.95 22.85 1.83
N THR B 37 0.08 23.65 1.64
CA THR B 37 0.20 24.55 0.51
C THR B 37 0.42 23.69 -0.74
N GLY B 38 -0.58 23.67 -1.61
CA GLY B 38 -0.49 22.90 -2.85
C GLY B 38 -0.84 21.44 -2.69
N ASN B 39 0.18 20.59 -2.71
CA ASN B 39 -0.03 19.16 -2.58
C ASN B 39 1.00 18.54 -1.64
N ALA B 40 1.52 19.32 -0.71
CA ALA B 40 2.53 18.81 0.22
C ALA B 40 2.04 17.64 1.08
N CYS B 41 0.77 17.68 1.50
CA CYS B 41 0.23 16.59 2.30
C CYS B 41 -1.22 16.32 1.97
N PRO B 42 -1.50 15.87 0.75
CA PRO B 42 -2.87 15.59 0.32
C PRO B 42 -3.45 14.37 1.03
N GLU B 43 -2.58 13.52 1.55
CA GLU B 43 -3.03 12.25 2.12
C GLU B 43 -3.59 12.44 3.51
N VAL B 44 -3.26 13.58 4.09
CA VAL B 44 -3.67 13.94 5.43
C VAL B 44 -5.05 14.85 5.53
N GLU B 45 -5.23 15.60 4.43
CA GLU B 45 -6.44 16.25 4.22
C GLU B 45 -7.38 15.35 3.43
N LYS B 46 -6.88 14.18 3.07
CA LYS B 46 -7.71 13.16 2.51
C LYS B 46 -8.18 12.36 3.74
N ALA B 47 -7.38 12.43 4.80
CA ALA B 47 -7.64 11.72 6.04
C ALA B 47 -8.47 12.52 7.04
N ASP B 48 -8.42 13.84 6.95
CA ASP B 48 -9.15 14.69 7.90
C ASP B 48 -8.51 14.64 9.28
N ALA B 49 -7.23 14.99 9.36
CA ALA B 49 -6.55 14.97 10.64
C ALA B 49 -7.05 16.10 11.54
N THR B 50 -6.42 16.26 12.70
CA THR B 50 -6.83 17.29 13.66
C THR B 50 -5.69 17.68 14.59
N PHE B 51 -5.50 18.97 14.78
CA PHE B 51 -4.47 19.48 15.68
C PHE B 51 -4.82 19.22 17.14
N LEU B 52 -3.98 18.45 17.81
CA LEU B 52 -4.13 18.17 19.23
C LEU B 52 -3.28 19.17 19.98
N TYR B 53 -2.15 19.53 19.37
CA TYR B 53 -1.22 20.50 19.94
C TYR B 53 -0.28 20.95 18.83
N SER B 54 -0.13 22.25 18.68
CA SER B 54 0.72 22.83 17.67
C SER B 54 1.76 23.66 18.39
N PHE B 55 3.04 23.51 18.04
CA PHE B 55 4.09 24.24 18.75
C PHE B 55 5.19 24.80 17.85
N GLU B 56 5.88 25.80 18.38
CA GLU B 56 7.03 26.41 17.72
C GLU B 56 7.85 27.15 18.77
N ASP B 57 9.16 27.18 18.60
CA ASP B 57 10.04 27.84 19.55
C ASP B 57 9.89 27.27 20.96
N SER B 58 9.57 25.99 21.04
CA SER B 58 9.46 25.30 22.31
C SER B 58 10.86 24.86 22.75
N GLY B 59 11.09 24.92 24.05
CA GLY B 59 12.36 24.50 24.63
C GLY B 59 13.58 25.14 24.00
N VAL B 60 14.67 24.39 23.98
CA VAL B 60 15.93 24.89 23.45
C VAL B 60 16.13 24.28 22.07
N GLY B 61 16.56 25.09 21.11
CA GLY B 61 16.79 24.56 19.78
C GLY B 61 15.61 24.78 18.86
N ASP B 62 14.70 25.67 19.27
CA ASP B 62 13.53 26.03 18.48
C ASP B 62 12.76 24.79 18.03
N VAL B 63 12.42 23.94 19.00
CA VAL B 63 11.64 22.75 18.75
C VAL B 63 10.28 23.15 18.19
N THR B 64 9.90 22.53 17.09
CA THR B 64 8.72 22.92 16.33
C THR B 64 8.05 21.71 15.65
N GLY B 65 6.73 21.74 15.53
CA GLY B 65 5.96 20.69 14.90
C GLY B 65 4.53 20.62 15.42
N PHE B 66 3.97 19.42 15.49
CA PHE B 66 2.61 19.23 15.98
C PHE B 66 2.25 17.80 16.41
N LEU B 67 1.21 17.70 17.24
CA LEU B 67 0.67 16.42 17.65
C LEU B 67 -0.70 16.29 17.00
N ALA B 68 -0.89 15.27 16.16
CA ALA B 68 -2.17 15.16 15.46
C ALA B 68 -3.02 13.95 15.80
N LEU B 69 -4.32 14.13 15.70
CA LEU B 69 -5.29 13.08 15.91
C LEU B 69 -5.79 12.67 14.54
N ASP B 70 -5.60 11.41 14.17
CA ASP B 70 -6.05 10.92 12.88
C ASP B 70 -7.18 9.92 13.10
N ASN B 71 -8.40 10.36 12.90
CA ASN B 71 -9.57 9.51 13.10
C ASN B 71 -9.78 8.53 11.96
N THR B 72 -9.24 8.86 10.80
CA THR B 72 -9.44 8.03 9.63
C THR B 72 -8.49 6.86 9.67
N ASN B 73 -7.23 7.13 10.03
CA ASN B 73 -6.23 6.09 10.06
C ASN B 73 -5.98 5.47 11.43
N LYS B 74 -6.54 6.05 12.49
CA LYS B 74 -6.38 5.50 13.83
C LYS B 74 -5.11 6.00 14.47
N LEU B 75 -4.67 7.21 14.14
CA LEU B 75 -3.36 7.62 14.62
C LEU B 75 -3.29 8.81 15.57
N ILE B 76 -2.25 8.79 16.40
CA ILE B 76 -1.86 9.89 17.26
C ILE B 76 -0.45 10.18 16.76
N VAL B 77 -0.29 11.29 16.04
CA VAL B 77 1.00 11.56 15.41
C VAL B 77 1.76 12.77 15.95
N LEU B 78 2.99 12.51 16.38
CA LEU B 78 3.85 13.59 16.83
C LEU B 78 4.82 13.85 15.69
N SER B 79 4.66 14.96 14.99
CA SER B 79 5.53 15.29 13.86
C SER B 79 6.44 16.49 14.16
N PHE B 80 7.75 16.24 14.21
CA PHE B 80 8.72 17.30 14.49
C PHE B 80 9.22 17.90 13.18
N ARG B 81 9.33 19.22 13.14
CA ARG B 81 9.88 19.90 11.97
C ARG B 81 11.39 19.74 11.86
N GLY B 82 11.92 19.91 10.65
CA GLY B 82 13.36 19.91 10.45
C GLY B 82 13.93 21.31 10.57
N SER B 83 15.16 21.49 10.09
CA SER B 83 15.85 22.77 10.20
C SER B 83 15.27 23.83 9.29
N ARG B 84 14.99 24.99 9.88
CA ARG B 84 14.53 26.16 9.16
C ARG B 84 15.24 27.39 9.72
N SER B 85 15.27 27.46 11.05
CA SER B 85 15.82 28.63 11.74
C SER B 85 17.31 28.56 12.03
N ILE B 86 17.90 29.74 12.20
CA ILE B 86 19.31 29.89 12.58
C ILE B 86 19.55 29.14 13.88
N GLU B 87 18.33 29.13 14.67
CA GLU B 87 18.25 28.45 15.97
C GLU B 87 18.47 26.95 15.74
N ASN B 88 17.77 26.40 14.73
CA ASN B 88 17.86 24.98 14.42
C ASN B 88 19.30 24.60 14.09
N TRP B 89 19.93 25.44 13.29
CA TRP B 89 21.25 25.14 12.75
C TRP B 89 22.34 25.17 13.80
N ILE B 90 22.21 26.10 14.73
CA ILE B 90 23.16 26.19 15.80
C ILE B 90 23.11 24.86 16.57
N GLY B 91 21.90 24.38 16.85
CA GLY B 91 21.71 23.14 17.56
C GLY B 91 22.28 21.92 16.86
N ASN B 92 22.11 21.88 15.54
CA ASN B 92 22.65 20.79 14.73
C ASN B 92 24.16 20.72 14.91
N LEU B 93 24.79 21.87 15.10
CA LEU B 93 26.24 21.94 15.13
C LEU B 93 26.83 21.63 16.50
N ASN B 94 25.94 21.29 17.43
CA ASN B 94 26.32 20.92 18.78
C ASN B 94 26.40 19.41 18.79
N PHE B 95 27.42 18.87 18.11
CA PHE B 95 27.51 17.43 17.87
C PHE B 95 28.34 16.60 18.85
N ASP B 96 28.79 17.20 19.95
CA ASP B 96 29.53 16.41 20.94
C ASP B 96 28.59 15.38 21.56
N LEU B 97 29.13 14.22 21.95
CA LEU B 97 28.30 13.16 22.49
C LEU B 97 28.05 13.31 23.98
N LYS B 98 26.80 13.18 24.39
CA LYS B 98 26.42 13.33 25.79
C LYS B 98 25.78 12.06 26.34
N GLU B 99 26.15 11.71 27.57
CA GLU B 99 25.59 10.52 28.21
C GLU B 99 24.09 10.56 28.24
N ILE B 100 23.46 9.47 27.81
CA ILE B 100 22.03 9.33 27.95
C ILE B 100 21.71 7.98 28.54
N ASN B 101 22.47 7.61 29.58
CA ASN B 101 22.28 6.35 30.27
C ASN B 101 20.84 6.15 30.76
N ASP B 102 20.15 7.28 30.96
CA ASP B 102 18.76 7.25 31.36
C ASP B 102 17.87 6.66 30.26
N ILE B 103 18.38 6.61 29.03
CA ILE B 103 17.67 6.01 27.89
C ILE B 103 18.12 4.57 27.68
N CYS B 104 19.43 4.35 27.76
CA CYS B 104 20.00 3.01 27.64
C CYS B 104 21.45 3.03 28.10
N SER B 105 21.85 1.98 28.81
CA SER B 105 23.21 1.88 29.36
C SER B 105 24.30 2.06 28.29
N GLY B 106 25.26 2.92 28.61
CA GLY B 106 26.38 3.19 27.72
C GLY B 106 26.09 4.06 26.51
N CYS B 107 24.87 4.60 26.40
CA CYS B 107 24.52 5.40 25.24
C CYS B 107 24.87 6.88 25.39
N ARG B 108 25.37 7.46 24.30
CA ARG B 108 25.63 8.88 24.19
C ARG B 108 24.93 9.33 22.93
N GLY B 109 24.45 10.58 22.94
CA GLY B 109 23.77 11.11 21.78
C GLY B 109 24.18 12.55 21.46
N HIS B 110 23.80 12.98 20.25
CA HIS B 110 24.02 14.33 19.79
C HIS B 110 23.54 15.30 20.88
N ASP B 111 24.42 16.18 21.35
CA ASP B 111 24.07 17.12 22.41
C ASP B 111 22.81 17.90 22.05
N GLY B 112 22.81 18.58 20.92
CA GLY B 112 21.65 19.35 20.49
C GLY B 112 20.34 18.58 20.39
N PHE B 113 20.38 17.39 19.80
CA PHE B 113 19.17 16.60 19.60
C PHE B 113 18.55 16.17 20.91
N THR B 114 19.38 15.65 21.80
CA THR B 114 18.89 15.17 23.08
C THR B 114 18.59 16.35 23.99
N SER B 115 19.37 17.42 23.90
CA SER B 115 19.11 18.60 24.71
C SER B 115 17.77 19.24 24.35
N SER B 116 17.43 19.23 23.07
CA SER B 116 16.16 19.76 22.60
C SER B 116 15.01 18.87 23.10
N TRP B 117 15.10 17.57 22.84
CA TRP B 117 14.06 16.65 23.29
C TRP B 117 13.83 16.75 24.79
N ARG B 118 14.91 16.74 25.55
CA ARG B 118 14.80 16.78 27.00
C ARG B 118 14.12 18.07 27.43
N SER B 119 14.30 19.12 26.66
CA SER B 119 13.70 20.40 27.01
C SER B 119 12.20 20.40 26.80
N VAL B 120 11.70 19.46 26.00
CA VAL B 120 10.28 19.41 25.68
C VAL B 120 9.62 18.08 26.06
N ALA B 121 10.40 17.16 26.59
CA ALA B 121 9.91 15.83 26.95
C ALA B 121 8.65 15.82 27.83
N ASP B 122 8.73 16.44 28.99
CA ASP B 122 7.61 16.40 29.92
C ASP B 122 6.24 16.85 29.40
N THR B 123 6.17 17.95 28.65
CA THR B 123 4.87 18.38 28.14
C THR B 123 4.39 17.53 26.95
N LEU B 124 5.31 17.10 26.09
CA LEU B 124 4.94 16.27 24.96
C LEU B 124 4.48 14.90 25.43
N ARG B 125 5.26 14.29 26.31
CA ARG B 125 4.87 13.01 26.85
C ARG B 125 3.49 13.12 27.47
N GLN B 126 3.31 14.16 28.29
CA GLN B 126 2.04 14.39 28.93
C GLN B 126 0.92 14.43 27.90
N LYS B 127 1.12 15.21 26.83
CA LYS B 127 0.10 15.36 25.81
C LYS B 127 -0.13 14.09 25.00
N VAL B 128 0.92 13.30 24.78
CA VAL B 128 0.77 12.05 24.05
C VAL B 128 -0.10 11.10 24.86
N GLU B 129 0.30 10.89 26.10
CA GLU B 129 -0.41 9.99 26.99
C GLU B 129 -1.84 10.40 27.32
N ASP B 130 -2.15 11.69 27.18
CA ASP B 130 -3.53 12.13 27.36
C ASP B 130 -4.32 11.65 26.16
N ALA B 131 -3.68 11.71 25.00
CA ALA B 131 -4.30 11.27 23.76
C ALA B 131 -4.54 9.76 23.78
N VAL B 132 -3.56 9.03 24.29
CA VAL B 132 -3.66 7.57 24.39
C VAL B 132 -4.84 7.17 25.26
N ARG B 133 -4.98 7.84 26.39
CA ARG B 133 -6.08 7.56 27.32
C ARG B 133 -7.46 7.83 26.67
N GLU B 134 -7.54 8.84 25.82
CA GLU B 134 -8.79 9.17 25.14
C GLU B 134 -9.06 8.26 23.95
N HIS B 135 -7.98 7.78 23.33
CA HIS B 135 -8.08 6.90 22.18
C HIS B 135 -7.09 5.73 22.28
N PRO B 136 -7.39 4.79 23.17
CA PRO B 136 -6.48 3.66 23.44
C PRO B 136 -6.40 2.66 22.31
N ASP B 137 -7.28 2.77 21.31
CA ASP B 137 -7.22 1.87 20.17
C ASP B 137 -6.40 2.49 19.05
N TYR B 138 -6.02 3.76 19.23
CA TYR B 138 -5.21 4.41 18.21
C TYR B 138 -3.73 4.06 18.34
N ARG B 139 -3.04 4.16 17.22
CA ARG B 139 -1.64 3.82 17.16
C ARG B 139 -0.78 5.08 17.29
N VAL B 140 0.16 5.09 18.22
CA VAL B 140 1.04 6.24 18.41
C VAL B 140 2.26 6.19 17.48
N VAL B 141 2.46 7.28 16.75
CA VAL B 141 3.57 7.36 15.80
C VAL B 141 4.30 8.70 15.93
N PHE B 142 5.64 8.64 16.07
CA PHE B 142 6.49 9.83 16.06
C PHE B 142 7.12 9.87 14.68
N THR B 143 7.22 11.06 14.08
CA THR B 143 7.83 11.16 12.77
C THR B 143 8.51 12.51 12.51
N GLY B 144 9.37 12.53 11.48
CA GLY B 144 10.05 13.76 11.14
C GLY B 144 11.04 13.65 10.00
N HIS B 145 11.35 14.79 9.40
CA HIS B 145 12.32 14.86 8.33
C HIS B 145 13.56 15.52 8.88
N ALA B 146 14.72 14.95 8.56
CA ALA B 146 16.01 15.52 8.95
C ALA B 146 16.18 15.67 10.45
N LEU B 147 16.38 16.90 10.90
CA LEU B 147 16.45 17.17 12.33
C LEU B 147 15.22 16.60 13.04
N GLY B 148 14.06 16.70 12.40
CA GLY B 148 12.82 16.20 12.96
C GLY B 148 12.81 14.70 13.17
N GLY B 149 13.36 13.96 12.21
CA GLY B 149 13.41 12.51 12.33
C GLY B 149 14.36 12.12 13.43
N ALA B 150 15.33 12.99 13.65
CA ALA B 150 16.29 12.78 14.71
C ALA B 150 15.57 13.02 16.03
N LEU B 151 14.82 14.11 16.10
CA LEU B 151 14.04 14.39 17.30
C LEU B 151 13.04 13.27 17.55
N ALA B 152 12.46 12.75 16.48
CA ALA B 152 11.43 11.70 16.61
C ALA B 152 12.03 10.41 17.15
N THR B 153 13.25 10.10 16.71
CA THR B 153 13.96 8.89 17.09
C THR B 153 14.31 8.94 18.59
N VAL B 154 14.83 10.08 19.03
CA VAL B 154 15.19 10.25 20.44
C VAL B 154 13.94 10.19 21.32
N ALA B 155 12.90 10.91 20.94
CA ALA B 155 11.68 10.89 21.72
C ALA B 155 11.11 9.48 21.87
N GLY B 156 11.12 8.71 20.78
CA GLY B 156 10.58 7.37 20.78
C GLY B 156 11.38 6.44 21.65
N ALA B 157 12.70 6.46 21.51
CA ALA B 157 13.58 5.64 22.35
C ALA B 157 13.32 5.90 23.83
N ASP B 158 13.14 7.18 24.16
CA ASP B 158 12.90 7.63 25.54
C ASP B 158 11.51 7.25 26.08
N LEU B 159 10.46 7.43 25.29
CA LEU B 159 9.10 7.22 25.80
C LEU B 159 8.48 5.82 25.69
N ARG B 160 9.12 4.91 24.93
CA ARG B 160 8.61 3.54 24.83
C ARG B 160 8.71 2.82 26.18
N GLY B 161 7.86 1.80 26.36
CA GLY B 161 7.85 1.00 27.56
C GLY B 161 6.91 1.50 28.64
N ASN B 162 6.06 2.46 28.27
CA ASN B 162 5.13 3.04 29.24
C ASN B 162 3.68 2.63 28.98
N GLY B 163 3.49 1.48 28.33
CA GLY B 163 2.16 0.95 28.11
C GLY B 163 1.60 0.95 26.70
N TYR B 164 2.20 1.72 25.81
CA TYR B 164 1.74 1.82 24.44
C TYR B 164 2.93 1.80 23.49
N ASP B 165 2.80 1.08 22.39
CA ASP B 165 3.86 1.02 21.40
C ASP B 165 4.03 2.38 20.73
N ILE B 166 5.25 2.66 20.29
CA ILE B 166 5.52 3.90 19.57
C ILE B 166 6.34 3.55 18.34
N ASP B 167 5.72 3.63 17.18
CA ASP B 167 6.45 3.44 15.94
C ASP B 167 7.08 4.78 15.61
N VAL B 168 8.23 4.75 14.94
CA VAL B 168 8.92 5.96 14.54
C VAL B 168 9.26 5.88 13.05
N PHE B 169 8.96 6.94 12.30
CA PHE B 169 9.29 6.99 10.87
C PHE B 169 10.10 8.25 10.69
N SER B 170 11.35 8.10 10.26
CA SER B 170 12.27 9.21 10.08
C SER B 170 12.71 9.31 8.62
N TYR B 171 12.82 10.53 8.11
CA TYR B 171 13.14 10.78 6.71
C TYR B 171 14.39 11.65 6.56
N GLY B 172 15.43 11.05 6.00
CA GLY B 172 16.70 11.73 5.81
C GLY B 172 17.35 12.13 7.13
N ALA B 173 17.20 11.30 8.15
CA ALA B 173 17.73 11.62 9.48
C ALA B 173 19.25 11.44 9.62
N PRO B 174 19.90 12.37 10.31
CA PRO B 174 21.33 12.23 10.62
C PRO B 174 21.49 11.21 11.75
N ARG B 175 22.72 10.79 12.00
CA ARG B 175 22.99 9.85 13.08
C ARG B 175 22.68 10.59 14.37
N VAL B 176 22.21 9.87 15.37
CA VAL B 176 21.80 10.51 16.61
C VAL B 176 22.67 10.11 17.78
N GLY B 177 23.55 9.13 17.59
CA GLY B 177 24.44 8.76 18.68
C GLY B 177 25.54 7.79 18.38
N ASN B 178 26.13 7.22 19.44
CA ASN B 178 27.26 6.29 19.30
C ASN B 178 26.84 4.88 18.95
N ARG B 179 27.80 3.95 18.92
CA ARG B 179 27.46 2.56 18.61
C ARG B 179 26.44 1.96 19.58
N ALA B 180 26.62 2.18 20.87
CA ALA B 180 25.70 1.61 21.84
C ALA B 180 24.25 2.01 21.53
N PHE B 181 24.01 3.31 21.33
CA PHE B 181 22.67 3.82 21.06
C PHE B 181 22.12 3.29 19.75
N ALA B 182 23.00 3.07 18.80
CA ALA B 182 22.57 2.59 17.50
C ALA B 182 22.09 1.16 17.69
N GLU B 183 22.84 0.41 18.50
CA GLU B 183 22.47 -0.96 18.79
C GLU B 183 21.11 -1.01 19.52
N PHE B 184 20.92 -0.13 20.50
CA PHE B 184 19.67 -0.10 21.27
C PHE B 184 18.49 0.16 20.37
N LEU B 185 18.66 1.13 19.48
CA LEU B 185 17.64 1.54 18.52
C LEU B 185 17.30 0.44 17.55
N THR B 186 18.20 -0.53 17.43
CA THR B 186 17.99 -1.62 16.53
C THR B 186 17.13 -2.72 17.18
N VAL B 187 17.25 -2.85 18.50
CA VAL B 187 16.63 -3.99 19.18
C VAL B 187 15.56 -3.65 20.20
N GLN B 188 15.37 -2.36 20.48
CA GLN B 188 14.36 -1.99 21.47
C GLN B 188 12.99 -2.47 21.00
N THR B 189 12.15 -2.98 21.90
CA THR B 189 10.78 -3.35 21.51
C THR B 189 9.84 -2.22 21.90
N GLY B 190 8.54 -2.52 21.94
CA GLY B 190 7.56 -1.50 22.25
C GLY B 190 7.40 -0.54 21.08
N GLY B 191 7.52 -1.06 19.87
CA GLY B 191 7.39 -0.22 18.70
C GLY B 191 8.55 -0.43 17.74
N THR B 192 8.36 -0.03 16.49
CA THR B 192 9.36 -0.20 15.45
C THR B 192 9.87 1.12 14.88
N LEU B 193 11.18 1.18 14.61
CA LEU B 193 11.80 2.32 13.93
C LEU B 193 11.93 2.00 12.46
N TYR B 194 11.44 2.91 11.61
CA TYR B 194 11.61 2.79 10.17
C TYR B 194 12.45 3.99 9.76
N ARG B 195 13.73 3.74 9.53
CA ARG B 195 14.67 4.80 9.20
C ARG B 195 14.86 4.82 7.70
N ILE B 196 14.27 5.86 7.07
CA ILE B 196 14.21 6.02 5.62
C ILE B 196 15.23 7.00 5.04
N THR B 197 15.96 6.57 4.03
CA THR B 197 16.95 7.45 3.38
C THR B 197 16.70 7.55 1.89
N HIS B 198 17.27 8.58 1.27
CA HIS B 198 17.13 8.79 -0.17
C HIS B 198 18.48 8.93 -0.89
N THR B 199 18.69 8.10 -1.90
CA THR B 199 19.91 8.07 -2.70
C THR B 199 21.15 8.48 -1.96
N ASN B 200 21.77 9.59 -2.36
CA ASN B 200 23.02 10.05 -1.79
C ASN B 200 22.87 11.32 -0.95
N ASP B 201 21.67 11.50 -0.39
CA ASP B 201 21.39 12.57 0.56
C ASP B 201 22.50 12.71 1.60
N ILE B 202 23.03 13.92 1.74
CA ILE B 202 24.13 14.16 2.67
C ILE B 202 23.77 14.05 4.14
N VAL B 203 22.51 14.29 4.47
CA VAL B 203 22.16 14.37 5.87
C VAL B 203 22.37 13.09 6.69
N PRO B 204 21.94 11.94 6.19
CA PRO B 204 22.20 10.67 6.88
C PRO B 204 23.68 10.30 6.98
N ARG B 205 24.56 11.06 6.34
CA ARG B 205 25.99 10.82 6.46
C ARG B 205 26.57 11.73 7.52
N LEU B 206 25.71 12.48 8.21
CA LEU B 206 26.15 13.35 9.29
C LEU B 206 25.57 12.90 10.64
N PRO B 207 26.29 13.13 11.72
CA PRO B 207 27.67 13.60 11.68
C PRO B 207 28.48 12.38 11.23
N PRO B 208 29.70 12.57 10.78
CA PRO B 208 30.48 11.47 10.23
C PRO B 208 30.85 10.40 11.27
N ARG B 209 31.00 9.18 10.79
CA ARG B 209 31.36 8.04 11.60
C ARG B 209 32.64 8.28 12.37
N GLU B 210 33.52 9.06 11.75
CA GLU B 210 34.80 9.38 12.35
C GLU B 210 34.65 10.23 13.58
N PHE B 211 33.47 10.79 13.82
CA PHE B 211 33.25 11.57 15.02
C PHE B 211 32.67 10.70 16.14
N GLY B 212 32.53 9.39 15.86
CA GLY B 212 32.00 8.46 16.85
C GLY B 212 30.50 8.16 16.73
N TYR B 213 29.92 8.46 15.58
CA TYR B 213 28.50 8.23 15.41
C TYR B 213 28.22 6.95 14.61
N SER B 214 27.07 6.32 14.85
CA SER B 214 26.64 5.13 14.10
C SER B 214 25.16 5.22 13.70
N HIS B 215 24.77 4.45 12.70
CA HIS B 215 23.35 4.38 12.31
C HIS B 215 22.77 3.08 12.82
N SER B 216 21.51 3.12 13.23
CA SER B 216 20.80 1.92 13.64
C SER B 216 20.41 1.12 12.40
N SER B 217 20.07 -0.14 12.60
CA SER B 217 19.66 -1.02 11.52
C SER B 217 18.22 -1.43 11.76
N PRO B 218 17.40 -1.64 10.72
CA PRO B 218 17.82 -1.52 9.32
C PRO B 218 17.60 -0.15 8.70
N GLU B 219 17.82 -0.06 7.38
CA GLU B 219 17.67 1.18 6.61
C GLU B 219 16.78 0.90 5.40
N TYR B 220 15.78 1.75 5.19
CA TYR B 220 14.98 1.62 3.97
C TYR B 220 15.48 2.67 3.02
N TRP B 221 16.16 2.22 1.95
CA TRP B 221 16.86 3.13 1.04
C TRP B 221 16.10 3.38 -0.25
N ILE B 222 15.72 4.66 -0.48
CA ILE B 222 14.98 4.96 -1.71
C ILE B 222 15.99 5.17 -2.81
N LYS B 223 15.87 4.44 -3.90
CA LYS B 223 16.86 4.46 -4.97
C LYS B 223 16.45 5.30 -6.19
N SER B 224 15.16 5.61 -6.31
CA SER B 224 14.70 6.43 -7.42
C SER B 224 15.23 7.86 -7.23
N GLY B 225 15.46 8.58 -8.31
CA GLY B 225 16.07 9.89 -8.24
C GLY B 225 15.27 11.06 -7.70
N THR B 226 15.95 12.20 -7.58
CA THR B 226 15.32 13.43 -7.12
C THR B 226 14.28 13.88 -8.13
N LEU B 227 13.12 14.27 -7.62
CA LEU B 227 11.98 14.71 -8.42
C LEU B 227 11.28 13.54 -9.14
N VAL B 228 11.67 12.31 -8.83
CA VAL B 228 11.11 11.12 -9.46
C VAL B 228 10.13 10.41 -8.54
N PRO B 229 8.96 10.05 -9.06
CA PRO B 229 7.98 9.33 -8.24
C PRO B 229 8.54 8.03 -7.65
N VAL B 230 8.22 7.77 -6.39
CA VAL B 230 8.68 6.55 -5.76
C VAL B 230 7.62 5.46 -5.88
N THR B 231 8.05 4.28 -6.31
CA THR B 231 7.23 3.08 -6.29
C THR B 231 7.88 2.17 -5.24
N ARG B 232 7.16 1.15 -4.80
CA ARG B 232 7.70 0.31 -3.72
C ARG B 232 8.89 -0.52 -4.22
N ASN B 233 8.97 -0.74 -5.53
CA ASN B 233 10.12 -1.44 -6.12
C ASN B 233 11.41 -0.60 -5.98
N ASP B 234 11.25 0.71 -5.78
CA ASP B 234 12.41 1.60 -5.65
C ASP B 234 13.01 1.65 -4.25
N ILE B 235 12.44 0.95 -3.28
CA ILE B 235 12.94 1.06 -1.93
C ILE B 235 13.51 -0.26 -1.52
N VAL B 236 14.73 -0.27 -1.01
CA VAL B 236 15.27 -1.55 -0.56
C VAL B 236 15.66 -1.52 0.91
N LYS B 237 15.48 -2.65 1.56
CA LYS B 237 15.78 -2.80 2.96
C LYS B 237 17.22 -3.25 3.11
N ILE B 238 18.03 -2.46 3.80
CA ILE B 238 19.44 -2.79 4.00
C ILE B 238 19.68 -3.10 5.46
N GLU B 239 20.22 -4.29 5.74
CA GLU B 239 20.37 -4.74 7.11
C GLU B 239 21.79 -4.57 7.63
N GLY B 240 21.92 -4.32 8.93
CA GLY B 240 23.21 -4.22 9.58
C GLY B 240 23.60 -2.85 10.04
N ILE B 241 24.14 -2.78 11.26
CA ILE B 241 24.62 -1.54 11.83
C ILE B 241 25.74 -0.93 10.98
N ASP B 242 25.60 0.35 10.64
CA ASP B 242 26.53 1.08 9.79
C ASP B 242 26.73 0.33 8.48
N ALA B 243 25.64 -0.17 7.92
CA ALA B 243 25.71 -0.87 6.65
C ALA B 243 26.10 0.11 5.55
N THR B 244 26.81 -0.39 4.55
CA THR B 244 27.28 0.45 3.46
C THR B 244 26.51 0.21 2.16
N GLY B 245 25.46 -0.61 2.20
CA GLY B 245 24.74 -0.88 0.97
C GLY B 245 23.77 0.20 0.46
N GLY B 246 23.41 1.17 1.30
CA GLY B 246 22.42 2.15 0.89
C GLY B 246 22.94 3.58 0.79
N ASN B 247 22.43 4.47 1.64
CA ASN B 247 22.92 5.83 1.67
C ASN B 247 24.35 6.00 2.14
N ASN B 248 24.84 5.07 2.97
CA ASN B 248 26.18 5.20 3.59
C ASN B 248 27.25 4.68 2.65
N GLN B 249 27.49 5.39 1.55
CA GLN B 249 28.43 4.94 0.51
C GLN B 249 29.54 5.97 0.28
N PRO B 250 30.72 5.49 -0.11
CA PRO B 250 31.89 6.36 -0.33
C PRO B 250 31.79 7.05 -1.68
N ASN B 251 30.78 7.85 -1.88
CA ASN B 251 30.67 8.64 -3.11
C ASN B 251 30.29 10.07 -2.75
N ILE B 252 30.20 10.93 -3.76
CA ILE B 252 29.87 12.32 -3.50
C ILE B 252 28.41 12.45 -3.04
N PRO B 253 28.18 13.16 -1.94
CA PRO B 253 26.83 13.36 -1.41
C PRO B 253 26.13 14.44 -2.21
N ASP B 254 24.86 14.67 -1.89
CA ASP B 254 24.04 15.58 -2.66
C ASP B 254 23.03 16.24 -1.73
N ILE B 255 22.80 17.53 -1.93
CA ILE B 255 21.84 18.24 -1.09
C ILE B 255 20.39 18.22 -1.64
N PRO B 256 20.18 18.44 -2.92
CA PRO B 256 18.79 18.37 -3.44
C PRO B 256 18.11 17.02 -3.13
N ALA B 257 18.89 15.95 -2.96
CA ALA B 257 18.28 14.66 -2.67
C ALA B 257 17.67 14.67 -1.27
N HIS B 258 18.14 15.56 -0.43
CA HIS B 258 17.61 15.68 0.93
C HIS B 258 16.18 16.25 0.93
N LEU B 259 15.79 16.89 -0.16
CA LEU B 259 14.49 17.54 -0.27
C LEU B 259 13.43 16.73 -1.03
N TRP B 260 13.74 15.49 -1.40
CA TRP B 260 12.80 14.66 -2.13
C TRP B 260 12.60 13.28 -1.47
N TYR B 261 11.61 13.19 -0.59
CA TYR B 261 11.23 11.95 0.08
C TYR B 261 9.74 11.71 -0.24
N PHE B 262 9.52 11.01 -1.34
CA PHE B 262 8.20 10.73 -1.90
C PHE B 262 7.63 11.92 -2.65
N GLY B 263 8.09 13.12 -2.27
CA GLY B 263 7.66 14.38 -2.87
C GLY B 263 8.52 15.44 -2.23
N LEU B 264 8.27 16.69 -2.55
CA LEU B 264 9.04 17.78 -1.97
C LEU B 264 8.84 17.79 -0.46
N ILE B 265 9.94 17.86 0.28
CA ILE B 265 9.87 17.89 1.74
C ILE B 265 10.84 18.95 2.23
N GLY B 266 10.40 19.74 3.21
CA GLY B 266 11.21 20.82 3.74
C GLY B 266 10.93 22.13 3.01
N THR B 267 9.98 22.11 2.09
CA THR B 267 9.71 23.30 1.28
C THR B 267 8.35 23.97 1.48
N CYS B 268 7.49 23.41 2.32
CA CYS B 268 6.21 24.05 2.55
C CYS B 268 6.45 25.34 3.35
N LEU B 269 5.87 26.45 2.90
CA LEU B 269 6.06 27.73 3.56
C LEU B 269 5.21 27.90 4.82
#